data_1ZYF
#
_entry.id   1ZYF
#
_entity_poly.entity_id   1
_entity_poly.type   'polydeoxyribonucleotide'
_entity_poly.pdbx_seq_one_letter_code
;(DC)(DA)(DA)(DC)(DC)(DA)(DT)(DG)(DG)(DT)(DT)(DG)
;
_entity_poly.pdbx_strand_id   A,B
#